data_8QWR
#
_entry.id   8QWR
#
_cell.length_a   59.320
_cell.length_b   100.570
_cell.length_c   108.750
_cell.angle_alpha   90.000
_cell.angle_beta   90.000
_cell.angle_gamma   90.000
#
_symmetry.space_group_name_H-M   'P 21 21 21'
#
loop_
_entity.id
_entity.type
_entity.pdbx_description
1 polymer 'Cyclooctat-9-en-7-ol synthase'
2 non-polymer '3-CYCLOHEXYL-1-PROPYLSULFONIC ACID'
3 non-polymer 'SODIUM ION'
4 non-polymer (4S)-2-METHYL-2,4-PENTANEDIOL
5 water water
#
_entity_poly.entity_id   1
_entity_poly.type   'polypeptide(L)'
_entity_poly.pdbx_seq_one_letter_code
;MTTGLSTAGAQDIGRSSVRPYLEECTRRFQEMFDRHVVTRPTKVELTDAELREVIDDCNAAVAPLGKTVSDERWISYVGL
VLWSQSPRHIKDMEAFKAVCVLNCVTFVWDDMDPALHDFGLFLPQLRKICEKYYGPEDAEVAYEAARAFVTSDHMFRDSP
IKAALCTTSPEQYFRFRVTDIGVDFWMKMSYPIYRHPEFTEHAKTSLAARMTTRGLTIVNDFYSYDREVSLGQITNCFRL
CDVSDETAFKEFFQARLDDMIEDIECIKAFDQLTQDVFLDLIYGNFVWTTSNKRYKTAVNDVNSRIQAAALEHHHHHH
;
_entity_poly.pdbx_strand_id   A,B
#
loop_
_chem_comp.id
_chem_comp.type
_chem_comp.name
_chem_comp.formula
CXS non-polymer '3-CYCLOHEXYL-1-PROPYLSULFONIC ACID' 'C9 H19 N O3 S'
MPD non-polymer (4S)-2-METHYL-2,4-PENTANEDIOL 'C6 H14 O2'
NA non-polymer 'SODIUM ION' 'Na 1'
#
# COMPACT_ATOMS: atom_id res chain seq x y z
N ILE A 13 21.20 10.10 -20.27
CA ILE A 13 21.08 9.93 -18.83
C ILE A 13 22.22 9.02 -18.35
N GLY A 14 22.93 8.39 -19.30
CA GLY A 14 23.98 7.45 -18.91
C GLY A 14 25.21 8.12 -18.32
N ARG A 15 25.53 9.33 -18.77
CA ARG A 15 26.71 10.06 -18.30
C ARG A 15 26.34 11.22 -17.38
N SER A 16 25.13 11.23 -16.85
CA SER A 16 24.71 12.33 -15.99
C SER A 16 25.11 12.07 -14.55
N SER A 17 25.05 13.13 -13.75
CA SER A 17 25.58 13.08 -12.41
C SER A 17 24.91 14.16 -11.57
N VAL A 18 24.71 13.86 -10.27
CA VAL A 18 24.28 14.89 -9.33
C VAL A 18 25.46 15.43 -8.53
N ARG A 19 26.68 15.02 -8.87
CA ARG A 19 27.86 15.46 -8.12
C ARG A 19 27.92 16.97 -7.91
N PRO A 20 27.59 17.83 -8.88
CA PRO A 20 27.55 19.28 -8.61
C PRO A 20 26.70 19.69 -7.43
N TYR A 21 25.67 18.91 -7.11
CA TYR A 21 24.69 19.28 -6.10
C TYR A 21 24.87 18.53 -4.78
N LEU A 22 25.89 17.68 -4.69
CA LEU A 22 26.00 16.75 -3.58
C LEU A 22 26.08 17.48 -2.25
N GLU A 23 26.98 18.46 -2.13
CA GLU A 23 27.13 19.15 -0.85
C GLU A 23 25.90 19.97 -0.51
N GLU A 24 25.38 20.74 -1.46
CA GLU A 24 24.25 21.60 -1.18
CA GLU A 24 24.25 21.60 -1.15
C GLU A 24 23.01 20.79 -0.81
N CYS A 25 22.74 19.71 -1.54
CA CYS A 25 21.57 18.88 -1.22
C CYS A 25 21.72 18.20 0.13
N THR A 26 22.92 17.70 0.46
CA THR A 26 23.13 17.13 1.80
C THR A 26 22.83 18.17 2.88
N ARG A 27 23.36 19.38 2.69
CA ARG A 27 23.10 20.44 3.65
CA ARG A 27 23.10 20.45 3.65
C ARG A 27 21.59 20.73 3.77
N ARG A 28 20.89 20.75 2.63
CA ARG A 28 19.47 21.09 2.64
CA ARG A 28 19.48 21.10 2.67
C ARG A 28 18.64 19.98 3.28
N PHE A 29 19.02 18.73 3.05
CA PHE A 29 18.34 17.62 3.72
C PHE A 29 18.48 17.75 5.23
N GLN A 30 19.72 18.02 5.69
CA GLN A 30 19.96 18.09 7.13
C GLN A 30 19.24 19.28 7.73
N GLU A 31 19.23 20.41 7.01
CA GLU A 31 18.51 21.57 7.50
C GLU A 31 17.03 21.29 7.63
N MET A 32 16.46 20.58 6.65
CA MET A 32 15.05 20.21 6.70
C MET A 32 14.75 19.33 7.90
N PHE A 33 15.56 18.28 8.11
CA PHE A 33 15.34 17.41 9.27
C PHE A 33 15.48 18.19 10.57
N ASP A 34 16.45 19.09 10.66
CA ASP A 34 16.63 19.83 11.89
C ASP A 34 15.41 20.68 12.20
N ARG A 35 14.80 21.25 11.16
CA ARG A 35 13.61 22.07 11.33
C ARG A 35 12.36 21.24 11.62
N HIS A 36 12.16 20.14 10.90
CA HIS A 36 10.86 19.46 10.90
C HIS A 36 10.79 18.21 11.77
N VAL A 37 11.90 17.51 11.97
CA VAL A 37 11.88 16.35 12.85
C VAL A 37 12.45 16.67 14.21
N VAL A 38 13.51 17.48 14.23
CA VAL A 38 14.18 17.99 15.43
C VAL A 38 14.94 16.89 16.17
N THR A 39 14.21 15.89 16.64
CA THR A 39 14.82 14.80 17.41
C THR A 39 15.89 14.10 16.59
N ARG A 40 17.12 14.07 17.14
CA ARG A 40 18.26 13.56 16.39
C ARG A 40 18.26 12.04 16.43
N PRO A 41 18.67 11.38 15.35
CA PRO A 41 18.81 9.92 15.40
C PRO A 41 19.83 9.49 16.42
N THR A 42 19.53 8.37 17.06
CA THR A 42 20.47 7.69 17.94
C THR A 42 20.55 6.25 17.50
N LYS A 43 21.63 5.61 17.90
CA LYS A 43 22.00 4.30 17.41
C LYS A 43 21.62 3.26 18.46
N VAL A 44 20.81 2.28 18.07
CA VAL A 44 20.49 1.19 18.99
C VAL A 44 21.76 0.45 19.35
N GLU A 45 21.95 0.19 20.64
CA GLU A 45 23.10 -0.56 21.12
CA GLU A 45 23.12 -0.56 21.07
C GLU A 45 22.83 -2.06 21.05
N LEU A 46 23.74 -2.81 20.43
CA LEU A 46 23.77 -4.26 20.51
C LEU A 46 24.93 -4.66 21.42
N THR A 47 24.71 -5.64 22.29
CA THR A 47 25.85 -6.20 23.01
C THR A 47 26.76 -6.95 22.02
N ASP A 48 28.00 -7.23 22.44
CA ASP A 48 28.85 -8.05 21.59
C ASP A 48 28.21 -9.40 21.29
N ALA A 49 27.55 -9.98 22.28
CA ALA A 49 26.90 -11.28 22.09
C ALA A 49 25.79 -11.18 21.05
N GLU A 50 25.02 -10.09 21.10
CA GLU A 50 23.89 -9.92 20.18
C GLU A 50 24.39 -9.69 18.76
N LEU A 51 25.42 -8.87 18.59
CA LEU A 51 25.97 -8.69 17.26
C LEU A 51 26.52 -9.99 16.71
N ARG A 52 27.17 -10.79 17.58
CA ARG A 52 27.68 -12.08 17.14
CA ARG A 52 27.68 -12.08 17.14
C ARG A 52 26.55 -12.99 16.69
N GLU A 53 25.45 -13.01 17.43
CA GLU A 53 24.32 -13.87 17.07
C GLU A 53 23.78 -13.44 15.73
N VAL A 54 23.58 -12.13 15.56
CA VAL A 54 23.11 -11.59 14.28
C VAL A 54 24.04 -12.03 13.15
N ILE A 55 25.37 -11.85 13.31
CA ILE A 55 26.28 -12.17 12.21
C ILE A 55 26.28 -13.68 11.92
N ASP A 56 26.24 -14.52 12.98
CA ASP A 56 26.17 -15.97 12.79
C ASP A 56 24.96 -16.35 11.94
N ASP A 57 23.81 -15.76 12.24
CA ASP A 57 22.57 -16.05 11.52
C ASP A 57 22.63 -15.55 10.09
N CYS A 58 23.24 -14.38 9.85
CA CYS A 58 23.44 -13.91 8.47
C CYS A 58 24.30 -14.88 7.68
N ASN A 59 25.40 -15.34 8.27
CA ASN A 59 26.28 -16.23 7.54
C ASN A 59 25.60 -17.55 7.23
N ALA A 60 24.83 -18.08 8.19
CA ALA A 60 24.16 -19.35 7.95
C ALA A 60 23.13 -19.23 6.84
N ALA A 61 22.50 -18.06 6.74
CA ALA A 61 21.42 -17.90 5.78
C ALA A 61 21.91 -17.80 4.34
N VAL A 62 23.11 -17.26 4.12
CA VAL A 62 23.65 -17.10 2.77
C VAL A 62 24.68 -18.17 2.45
N ALA A 63 25.02 -19.03 3.41
CA ALA A 63 25.95 -20.13 3.15
C ALA A 63 25.47 -21.02 2.01
N PRO A 64 24.20 -21.43 1.92
CA PRO A 64 23.78 -22.29 0.80
C PRO A 64 23.99 -21.67 -0.55
N LEU A 65 24.13 -20.35 -0.64
CA LEU A 65 24.46 -19.68 -1.88
C LEU A 65 25.96 -19.57 -2.10
N GLY A 66 26.77 -20.17 -1.22
CA GLY A 66 28.21 -20.08 -1.35
C GLY A 66 28.77 -18.72 -1.06
N LYS A 67 28.03 -17.87 -0.36
CA LYS A 67 28.48 -16.54 -0.02
C LYS A 67 29.31 -16.61 1.24
N THR A 68 30.51 -16.08 1.16
CA THR A 68 31.20 -15.66 2.36
C THR A 68 31.15 -14.15 2.35
N VAL A 69 30.71 -13.59 3.46
CA VAL A 69 30.64 -12.15 3.68
C VAL A 69 31.42 -11.83 4.94
N SER A 70 32.18 -10.75 4.89
CA SER A 70 32.98 -10.33 6.05
C SER A 70 32.10 -9.69 7.15
N ASP A 71 32.53 -9.85 8.41
CA ASP A 71 31.91 -9.13 9.51
C ASP A 71 31.80 -7.64 9.20
N GLU A 72 32.87 -7.07 8.62
CA GLU A 72 32.86 -5.64 8.31
C GLU A 72 31.70 -5.32 7.39
N ARG A 73 31.46 -6.16 6.38
CA ARG A 73 30.34 -5.92 5.48
CA ARG A 73 30.34 -5.90 5.48
C ARG A 73 29.01 -6.05 6.21
N TRP A 74 28.84 -7.11 7.02
CA TRP A 74 27.58 -7.26 7.75
C TRP A 74 27.34 -6.06 8.65
N ILE A 75 28.40 -5.59 9.33
CA ILE A 75 28.22 -4.51 10.28
C ILE A 75 27.84 -3.21 9.57
N SER A 76 28.37 -2.98 8.36
CA SER A 76 27.94 -1.80 7.62
C SER A 76 26.47 -1.87 7.27
N TYR A 77 25.98 -3.05 6.88
CA TYR A 77 24.56 -3.22 6.60
C TYR A 77 23.69 -3.07 7.85
N VAL A 78 24.09 -3.69 8.97
CA VAL A 78 23.26 -3.63 10.16
CA VAL A 78 23.38 -3.65 10.25
C VAL A 78 23.18 -2.21 10.70
N GLY A 79 24.15 -1.33 10.39
CA GLY A 79 24.06 0.05 10.82
C GLY A 79 22.77 0.73 10.39
N LEU A 80 22.23 0.34 9.22
CA LEU A 80 20.94 0.88 8.79
C LEU A 80 19.86 0.62 9.83
N VAL A 81 19.81 -0.61 10.38
CA VAL A 81 18.78 -0.94 11.38
C VAL A 81 19.10 -0.23 12.71
N LEU A 82 20.37 -0.24 13.12
CA LEU A 82 20.72 0.44 14.38
C LEU A 82 20.39 1.92 14.34
N TRP A 83 20.62 2.57 13.18
CA TRP A 83 20.32 4.00 13.08
C TRP A 83 18.84 4.31 12.89
N SER A 84 18.13 3.47 12.12
CA SER A 84 16.82 3.86 11.66
C SER A 84 15.72 3.46 12.63
N GLN A 85 15.95 2.42 13.44
CA GLN A 85 14.94 2.08 14.44
C GLN A 85 15.00 3.10 15.59
N SER A 86 14.03 3.02 16.48
CA SER A 86 13.77 4.05 17.47
C SER A 86 14.03 3.48 18.85
N PRO A 87 15.23 3.66 19.42
CA PRO A 87 15.58 2.91 20.64
C PRO A 87 14.69 3.20 21.85
N ARG A 88 14.14 4.39 21.94
CA ARG A 88 13.25 4.71 23.06
CA ARG A 88 13.30 4.66 23.09
C ARG A 88 12.11 3.71 23.18
N HIS A 89 11.59 3.22 22.04
CA HIS A 89 10.34 2.47 22.07
C HIS A 89 10.49 0.98 21.92
N ILE A 90 11.71 0.45 21.85
CA ILE A 90 11.93 -0.99 21.66
C ILE A 90 11.43 -1.76 22.86
N LYS A 91 10.67 -2.84 22.59
CA LYS A 91 10.20 -3.71 23.66
C LYS A 91 10.58 -5.16 23.42
N ASP A 92 11.04 -5.52 22.23
CA ASP A 92 11.33 -6.91 21.89
C ASP A 92 12.64 -6.93 21.10
N MET A 93 13.75 -7.25 21.79
CA MET A 93 15.02 -7.35 21.09
C MET A 93 15.20 -8.62 20.29
N GLU A 94 14.33 -9.63 20.45
CA GLU A 94 14.38 -10.77 19.55
C GLU A 94 13.88 -10.37 18.15
N ALA A 95 12.76 -9.64 18.12
CA ALA A 95 12.31 -9.04 16.86
C ALA A 95 13.37 -8.11 16.30
N PHE A 96 14.06 -7.37 17.16
CA PHE A 96 15.06 -6.44 16.66
C PHE A 96 16.19 -7.19 15.95
N LYS A 97 16.71 -8.27 16.57
CA LYS A 97 17.71 -9.07 15.89
C LYS A 97 17.20 -9.64 14.59
N ALA A 98 15.94 -10.06 14.55
CA ALA A 98 15.40 -10.56 13.30
C ALA A 98 15.49 -9.51 12.20
N VAL A 99 15.13 -8.27 12.51
CA VAL A 99 15.21 -7.24 11.47
C VAL A 99 16.64 -7.01 11.05
N CYS A 100 17.57 -7.05 12.02
CA CYS A 100 18.99 -6.97 11.69
C CYS A 100 19.37 -8.05 10.69
N VAL A 101 18.99 -9.30 10.97
CA VAL A 101 19.37 -10.40 10.08
C VAL A 101 18.68 -10.28 8.74
N LEU A 102 17.37 -10.04 8.77
CA LEU A 102 16.63 -9.99 7.51
C LEU A 102 17.11 -8.85 6.63
N ASN A 103 17.31 -7.67 7.21
CA ASN A 103 17.86 -6.54 6.46
C ASN A 103 19.19 -6.92 5.83
N CYS A 104 20.08 -7.49 6.64
CA CYS A 104 21.42 -7.84 6.17
C CYS A 104 21.39 -8.84 5.01
N VAL A 105 20.67 -9.94 5.18
CA VAL A 105 20.72 -10.96 4.14
C VAL A 105 20.02 -10.50 2.88
N THR A 106 19.00 -9.64 2.98
CA THR A 106 18.43 -9.17 1.73
CA THR A 106 18.37 -9.08 1.78
C THR A 106 19.32 -8.14 1.05
N PHE A 107 20.13 -7.38 1.81
CA PHE A 107 21.15 -6.56 1.16
C PHE A 107 22.08 -7.43 0.34
N VAL A 108 22.54 -8.55 0.92
CA VAL A 108 23.46 -9.42 0.20
C VAL A 108 22.79 -10.02 -1.02
N TRP A 109 21.53 -10.44 -0.87
CA TRP A 109 20.76 -10.96 -1.99
C TRP A 109 20.63 -9.95 -3.10
N ASP A 110 20.34 -8.69 -2.75
CA ASP A 110 20.16 -7.66 -3.77
CA ASP A 110 20.17 -7.64 -3.75
C ASP A 110 21.47 -7.28 -4.45
N ASP A 111 22.61 -7.55 -3.84
CA ASP A 111 23.90 -7.27 -4.46
CA ASP A 111 23.87 -7.24 -4.51
C ASP A 111 24.42 -8.40 -5.33
N MET A 112 23.78 -9.57 -5.28
CA MET A 112 24.25 -10.70 -6.05
C MET A 112 23.87 -10.56 -7.52
N ASP A 113 24.68 -11.16 -8.38
CA ASP A 113 24.25 -11.44 -9.74
C ASP A 113 22.89 -12.13 -9.71
N PRO A 114 21.85 -11.56 -10.31
CA PRO A 114 20.54 -12.22 -10.31
C PRO A 114 20.56 -13.62 -10.89
N ALA A 115 21.52 -13.93 -11.76
CA ALA A 115 21.57 -15.28 -12.33
C ALA A 115 21.90 -16.34 -11.29
N LEU A 116 22.37 -15.93 -10.12
CA LEU A 116 22.70 -16.85 -9.03
C LEU A 116 21.62 -16.86 -7.96
N HIS A 117 20.48 -16.19 -8.20
CA HIS A 117 19.39 -16.15 -7.25
C HIS A 117 18.71 -17.51 -7.19
N ASP A 118 18.99 -18.27 -6.15
CA ASP A 118 18.38 -19.58 -5.97
C ASP A 118 17.31 -19.43 -4.89
N PHE A 119 16.07 -19.19 -5.34
CA PHE A 119 14.98 -18.99 -4.39
C PHE A 119 14.72 -20.25 -3.57
N GLY A 120 14.96 -21.43 -4.15
CA GLY A 120 14.71 -22.65 -3.40
C GLY A 120 15.62 -22.82 -2.21
N LEU A 121 16.83 -22.28 -2.28
CA LEU A 121 17.75 -22.28 -1.17
C LEU A 121 17.57 -21.08 -0.24
N PHE A 122 17.11 -19.95 -0.77
CA PHE A 122 17.09 -18.72 0.03
C PHE A 122 15.79 -18.56 0.83
N LEU A 123 14.63 -18.80 0.21
CA LEU A 123 13.39 -18.60 0.95
C LEU A 123 13.32 -19.46 2.21
N PRO A 124 13.71 -20.74 2.22
CA PRO A 124 13.67 -21.46 3.50
C PRO A 124 14.59 -20.87 4.55
N GLN A 125 15.70 -20.22 4.15
CA GLN A 125 16.54 -19.56 5.16
C GLN A 125 15.82 -18.35 5.76
N LEU A 126 15.09 -17.58 4.94
CA LEU A 126 14.31 -16.48 5.49
C LEU A 126 13.25 -17.00 6.45
N ARG A 127 12.59 -18.11 6.09
CA ARG A 127 11.60 -18.69 6.98
C ARG A 127 12.22 -19.08 8.30
N LYS A 128 13.41 -19.70 8.25
CA LYS A 128 14.07 -20.12 9.48
C LYS A 128 14.35 -18.93 10.40
N ILE A 129 14.79 -17.81 9.83
CA ILE A 129 15.04 -16.61 10.63
C ILE A 129 13.78 -16.14 11.30
N CYS A 130 12.70 -16.08 10.52
CA CYS A 130 11.45 -15.58 11.08
C CYS A 130 10.93 -16.51 12.19
N GLU A 131 10.98 -17.82 11.96
CA GLU A 131 10.48 -18.74 12.99
C GLU A 131 11.36 -18.73 14.25
N LYS A 132 12.63 -18.37 14.12
CA LYS A 132 13.49 -18.29 15.30
C LYS A 132 13.08 -17.12 16.21
N TYR A 133 12.86 -15.95 15.61
CA TYR A 133 12.82 -14.71 16.36
C TYR A 133 11.41 -14.19 16.65
N TYR A 134 10.41 -14.65 15.91
CA TYR A 134 9.07 -14.13 16.09
C TYR A 134 8.15 -15.23 16.58
N GLY A 135 7.05 -14.80 17.20
CA GLY A 135 5.95 -15.69 17.52
C GLY A 135 5.31 -16.20 16.25
N PRO A 136 4.37 -17.14 16.39
CA PRO A 136 3.82 -17.81 15.20
C PRO A 136 3.18 -16.86 14.20
N GLU A 137 2.31 -15.96 14.67
CA GLU A 137 1.61 -15.06 13.76
C GLU A 137 2.57 -14.07 13.14
N ASP A 138 3.39 -13.46 13.97
CA ASP A 138 4.35 -12.47 13.48
C ASP A 138 5.34 -13.07 12.50
N ALA A 139 5.78 -14.33 12.74
CA ALA A 139 6.72 -14.96 11.82
C ALA A 139 6.12 -15.08 10.44
N GLU A 140 4.83 -15.36 10.35
CA GLU A 140 4.18 -15.49 9.05
C GLU A 140 4.05 -14.14 8.36
N VAL A 141 3.75 -13.10 9.13
CA VAL A 141 3.64 -11.76 8.57
C VAL A 141 4.99 -11.31 8.04
N ALA A 142 6.04 -11.45 8.85
CA ALA A 142 7.37 -11.07 8.41
C ALA A 142 7.83 -11.89 7.21
N TYR A 143 7.61 -13.21 7.25
CA TYR A 143 8.05 -14.04 6.14
C TYR A 143 7.30 -13.69 4.84
N GLU A 144 6.00 -13.52 4.93
CA GLU A 144 5.25 -13.17 3.73
C GLU A 144 5.77 -11.87 3.13
N ALA A 145 6.05 -10.88 3.98
CA ALA A 145 6.54 -9.60 3.47
C ALA A 145 7.91 -9.76 2.79
N ALA A 146 8.80 -10.56 3.40
CA ALA A 146 10.10 -10.84 2.80
C ALA A 146 9.96 -11.55 1.48
N ARG A 147 9.13 -12.60 1.44
CA ARG A 147 8.82 -13.34 0.22
C ARG A 147 8.27 -12.43 -0.86
N ALA A 148 7.27 -11.61 -0.52
CA ALA A 148 6.68 -10.71 -1.50
C ALA A 148 7.72 -9.76 -2.07
N PHE A 149 8.61 -9.25 -1.21
CA PHE A 149 9.62 -8.30 -1.64
C PHE A 149 10.59 -8.92 -2.64
N VAL A 150 11.17 -10.09 -2.30
CA VAL A 150 12.16 -10.65 -3.21
C VAL A 150 11.49 -11.20 -4.45
N THR A 151 10.24 -11.66 -4.34
CA THR A 151 9.52 -12.09 -5.53
C THR A 151 9.21 -10.92 -6.45
N SER A 152 8.83 -9.76 -5.90
CA SER A 152 8.58 -8.58 -6.71
CA SER A 152 8.57 -8.58 -6.71
C SER A 152 9.82 -8.18 -7.49
N ASP A 153 10.96 -8.15 -6.82
CA ASP A 153 12.20 -7.77 -7.48
C ASP A 153 12.44 -8.65 -8.69
N HIS A 154 12.17 -9.94 -8.54
CA HIS A 154 12.38 -10.87 -9.65
C HIS A 154 11.40 -10.61 -10.78
N MET A 155 10.13 -10.38 -10.43
N MET A 155 10.13 -10.36 -10.46
CA MET A 155 9.07 -10.15 -11.42
CA MET A 155 9.12 -10.25 -11.51
C MET A 155 9.32 -8.94 -12.29
C MET A 155 9.08 -8.88 -12.18
N PHE A 156 9.78 -7.86 -11.69
CA PHE A 156 9.89 -6.57 -12.37
C PHE A 156 11.22 -6.32 -13.05
N ARG A 157 12.17 -7.22 -12.92
CA ARG A 157 13.36 -7.11 -13.73
C ARG A 157 12.95 -7.08 -15.21
N ASP A 158 13.22 -5.96 -15.87
CA ASP A 158 12.91 -5.77 -17.29
C ASP A 158 11.40 -5.90 -17.57
N SER A 159 10.58 -5.50 -16.61
CA SER A 159 9.14 -5.56 -16.87
C SER A 159 8.66 -4.23 -17.45
N PRO A 160 7.74 -4.27 -18.41
CA PRO A 160 7.12 -3.02 -18.89
C PRO A 160 6.42 -2.25 -17.80
N ILE A 161 5.94 -2.91 -16.75
CA ILE A 161 5.26 -2.20 -15.68
C ILE A 161 6.22 -1.27 -14.98
N LYS A 162 7.41 -1.78 -14.66
CA LYS A 162 8.41 -0.96 -13.99
C LYS A 162 8.73 0.26 -14.83
N ALA A 163 8.95 0.06 -16.14
CA ALA A 163 9.20 1.17 -17.03
C ALA A 163 8.06 2.18 -17.00
N ALA A 164 6.81 1.71 -17.08
CA ALA A 164 5.68 2.62 -17.11
C ALA A 164 5.59 3.40 -15.80
N LEU A 165 5.69 2.71 -14.68
CA LEU A 165 5.47 3.38 -13.40
C LEU A 165 6.60 4.33 -13.07
N CYS A 166 7.82 3.98 -13.44
CA CYS A 166 8.99 4.79 -13.09
C CYS A 166 9.24 5.95 -14.02
N THR A 167 8.60 5.99 -15.19
CA THR A 167 8.81 7.11 -16.08
C THR A 167 7.59 8.00 -16.25
N THR A 168 6.42 7.64 -15.69
CA THR A 168 5.21 8.42 -15.96
C THR A 168 5.15 9.70 -15.13
N SER A 169 5.33 9.60 -13.82
CA SER A 169 5.18 10.74 -12.94
C SER A 169 5.76 10.37 -11.58
N PRO A 170 6.07 11.35 -10.75
CA PRO A 170 6.55 11.01 -9.39
C PRO A 170 5.55 10.18 -8.63
N GLU A 171 4.25 10.49 -8.78
CA GLU A 171 3.22 9.73 -8.07
C GLU A 171 3.23 8.26 -8.47
N GLN A 172 3.31 7.96 -9.78
CA GLN A 172 3.35 6.56 -10.17
C GLN A 172 4.64 5.91 -9.71
N TYR A 173 5.73 6.68 -9.71
CA TYR A 173 7.01 6.12 -9.29
C TYR A 173 6.99 5.73 -7.82
N PHE A 174 6.51 6.64 -6.96
CA PHE A 174 6.53 6.33 -5.54
C PHE A 174 5.53 5.22 -5.22
N ARG A 175 4.48 5.12 -6.05
CA ARG A 175 3.53 4.02 -5.90
C ARG A 175 4.21 2.68 -6.10
N PHE A 176 5.10 2.60 -7.09
CA PHE A 176 5.88 1.38 -7.27
C PHE A 176 6.84 1.17 -6.11
N ARG A 177 7.46 2.24 -5.63
CA ARG A 177 8.53 2.11 -4.64
C ARG A 177 8.03 1.72 -3.24
N VAL A 178 6.75 1.89 -2.91
CA VAL A 178 6.24 1.45 -1.60
C VAL A 178 6.69 0.02 -1.34
N THR A 179 6.62 -0.81 -2.39
CA THR A 179 7.10 -2.18 -2.31
C THR A 179 8.57 -2.27 -2.70
N ASP A 180 8.92 -1.66 -3.84
CA ASP A 180 10.21 -1.95 -4.47
C ASP A 180 11.39 -1.46 -3.65
N ILE A 181 11.23 -0.36 -2.91
CA ILE A 181 12.34 0.09 -2.03
C ILE A 181 12.45 -0.73 -0.76
N GLY A 182 11.44 -1.53 -0.44
CA GLY A 182 11.45 -2.41 0.70
C GLY A 182 10.78 -1.88 1.94
N VAL A 183 10.08 -0.75 1.87
CA VAL A 183 9.63 -0.20 3.15
C VAL A 183 8.40 -0.93 3.66
N ASP A 184 7.54 -1.48 2.78
CA ASP A 184 6.48 -2.32 3.31
C ASP A 184 7.04 -3.52 4.06
N PHE A 185 8.08 -4.15 3.49
CA PHE A 185 8.74 -5.26 4.15
C PHE A 185 9.31 -4.81 5.50
N TRP A 186 10.01 -3.68 5.49
CA TRP A 186 10.59 -3.17 6.73
C TRP A 186 9.54 -3.00 7.82
N MET A 187 8.41 -2.38 7.48
CA MET A 187 7.38 -2.16 8.48
C MET A 187 6.80 -3.47 8.98
N LYS A 188 6.58 -4.42 8.07
CA LYS A 188 5.96 -5.67 8.47
C LYS A 188 6.89 -6.61 9.20
N MET A 189 8.22 -6.40 9.17
CA MET A 189 9.09 -7.14 10.07
C MET A 189 9.47 -6.34 11.30
N SER A 190 9.24 -5.02 11.33
CA SER A 190 9.61 -4.17 12.46
C SER A 190 8.53 -4.01 13.51
N TYR A 191 7.23 -4.13 13.20
CA TYR A 191 6.26 -3.81 14.26
C TYR A 191 6.41 -4.68 15.52
N PRO A 192 6.82 -5.96 15.46
CA PRO A 192 6.98 -6.72 16.71
C PRO A 192 8.04 -6.13 17.63
N ILE A 193 8.96 -5.34 17.08
CA ILE A 193 9.97 -4.68 17.93
C ILE A 193 9.29 -3.83 18.99
N TYR A 194 8.21 -3.14 18.59
CA TYR A 194 7.59 -2.11 19.42
C TYR A 194 6.35 -2.59 20.19
N ARG A 195 5.71 -3.67 19.74
CA ARG A 195 4.50 -4.18 20.42
C ARG A 195 3.52 -3.06 20.73
N HIS A 196 3.32 -2.18 19.76
CA HIS A 196 2.46 -1.03 19.97
C HIS A 196 1.24 -1.21 19.07
N PRO A 197 0.05 -1.42 19.64
CA PRO A 197 -1.11 -1.80 18.79
C PRO A 197 -1.34 -0.91 17.60
N GLU A 198 -1.28 0.43 17.77
CA GLU A 198 -1.55 1.31 16.64
CA GLU A 198 -1.54 1.33 16.65
C GLU A 198 -0.50 1.14 15.55
N PHE A 199 0.77 1.08 15.93
CA PHE A 199 1.82 0.90 14.93
C PHE A 199 1.65 -0.44 14.21
N THR A 200 1.30 -1.49 14.96
CA THR A 200 1.07 -2.79 14.37
C THR A 200 0.01 -2.72 13.26
N GLU A 201 -1.10 -2.01 13.53
CA GLU A 201 -2.13 -1.90 12.49
C GLU A 201 -1.63 -1.08 11.31
N HIS A 202 -0.95 0.05 11.55
CA HIS A 202 -0.46 0.84 10.41
C HIS A 202 0.55 0.03 9.58
N ALA A 203 1.37 -0.78 10.24
CA ALA A 203 2.27 -1.67 9.50
C ALA A 203 1.47 -2.68 8.65
N LYS A 204 0.42 -3.26 9.22
CA LYS A 204 -0.28 -4.33 8.53
C LYS A 204 -1.21 -3.83 7.42
N THR A 205 -1.67 -2.59 7.49
CA THR A 205 -2.44 -1.99 6.40
C THR A 205 -1.53 -1.41 5.33
N SER A 206 -0.23 -1.35 5.62
CA SER A 206 0.77 -0.66 4.80
C SER A 206 0.60 0.84 4.80
N LEU A 207 -0.30 1.43 5.61
CA LEU A 207 -0.31 2.89 5.72
C LEU A 207 1.05 3.39 6.23
N ALA A 208 1.70 2.63 7.13
CA ALA A 208 3.02 3.01 7.61
C ALA A 208 4.00 3.13 6.45
N ALA A 209 3.98 2.15 5.54
CA ALA A 209 4.87 2.20 4.39
C ALA A 209 4.50 3.35 3.47
N ARG A 210 3.20 3.55 3.22
CA ARG A 210 2.81 4.63 2.32
C ARG A 210 3.23 6.00 2.86
N MET A 211 3.23 6.20 4.19
CA MET A 211 3.58 7.50 4.77
C MET A 211 5.08 7.77 4.72
N THR A 212 5.90 6.74 4.67
CA THR A 212 7.35 6.91 4.79
C THR A 212 8.08 6.70 3.48
N THR A 213 7.37 6.24 2.43
CA THR A 213 8.04 5.88 1.18
C THR A 213 8.79 7.05 0.55
N ARG A 214 8.16 8.22 0.46
CA ARG A 214 8.82 9.33 -0.24
C ARG A 214 10.06 9.77 0.50
N GLY A 215 9.99 9.90 1.83
CA GLY A 215 11.17 10.38 2.54
C GLY A 215 12.34 9.43 2.46
N LEU A 216 12.07 8.13 2.45
CA LEU A 216 13.15 7.16 2.29
C LEU A 216 13.67 7.13 0.86
N THR A 217 12.75 7.14 -0.11
CA THR A 217 13.12 6.93 -1.52
C THR A 217 13.85 8.14 -2.08
N ILE A 218 13.41 9.34 -1.73
CA ILE A 218 14.06 10.54 -2.26
C ILE A 218 15.52 10.61 -1.82
N VAL A 219 15.77 10.36 -0.54
CA VAL A 219 17.14 10.33 -0.02
C VAL A 219 17.94 9.20 -0.69
N ASN A 220 17.38 7.99 -0.68
CA ASN A 220 18.12 6.87 -1.27
CA ASN A 220 18.14 6.88 -1.26
C ASN A 220 18.44 7.14 -2.73
N ASP A 221 17.48 7.72 -3.46
CA ASP A 221 17.63 7.97 -4.89
C ASP A 221 18.67 9.03 -5.14
N PHE A 222 18.72 10.07 -4.29
CA PHE A 222 19.69 11.11 -4.56
C PHE A 222 21.10 10.56 -4.44
N TYR A 223 21.36 9.77 -3.39
CA TYR A 223 22.71 9.30 -3.13
C TYR A 223 23.09 8.07 -3.95
N SER A 224 22.14 7.45 -4.67
CA SER A 224 22.45 6.33 -5.55
CA SER A 224 22.41 6.32 -5.55
C SER A 224 22.41 6.71 -7.02
N TYR A 225 22.05 7.94 -7.34
CA TYR A 225 21.82 8.33 -8.73
C TYR A 225 23.01 8.02 -9.63
N ASP A 226 24.18 8.53 -9.26
CA ASP A 226 25.32 8.37 -10.15
C ASP A 226 25.62 6.90 -10.43
N ARG A 227 25.59 6.06 -9.38
CA ARG A 227 25.85 4.64 -9.59
C ARG A 227 24.74 3.99 -10.42
N GLU A 228 23.50 4.30 -10.10
CA GLU A 228 22.38 3.62 -10.75
CA GLU A 228 22.38 3.62 -10.75
C GLU A 228 22.25 4.03 -12.22
N VAL A 229 22.46 5.30 -12.55
CA VAL A 229 22.32 5.61 -13.97
C VAL A 229 23.51 5.05 -14.74
N SER A 230 24.67 4.93 -14.09
CA SER A 230 25.81 4.29 -14.73
C SER A 230 25.56 2.81 -15.03
N LEU A 231 24.63 2.17 -14.33
CA LEU A 231 24.30 0.77 -14.55
C LEU A 231 23.01 0.59 -15.35
N GLY A 232 22.47 1.65 -15.91
CA GLY A 232 21.21 1.54 -16.64
C GLY A 232 19.97 1.30 -15.78
N GLN A 233 20.03 1.54 -14.47
CA GLN A 233 18.87 1.31 -13.61
C GLN A 233 17.91 2.49 -13.73
N ILE A 234 16.61 2.20 -13.88
CA ILE A 234 15.64 3.26 -14.08
C ILE A 234 14.85 3.58 -12.82
N THR A 235 15.09 2.86 -11.72
CA THR A 235 14.29 3.10 -10.52
C THR A 235 15.01 4.19 -9.73
N ASN A 236 14.81 5.43 -10.18
CA ASN A 236 15.36 6.57 -9.46
C ASN A 236 14.58 7.80 -9.85
N CYS A 237 14.02 8.52 -8.87
CA CYS A 237 13.10 9.60 -9.23
C CYS A 237 13.82 10.76 -9.90
N PHE A 238 15.14 10.86 -9.70
CA PHE A 238 15.83 11.98 -10.33
C PHE A 238 16.04 11.77 -11.82
N ARG A 239 15.74 10.56 -12.32
CA ARG A 239 15.70 10.36 -13.75
C ARG A 239 14.53 11.08 -14.39
N LEU A 240 13.55 11.53 -13.60
CA LEU A 240 12.37 12.23 -14.11
C LEU A 240 12.64 13.69 -14.39
N CYS A 241 13.84 14.18 -14.11
CA CYS A 241 14.23 15.54 -14.42
C CYS A 241 15.58 15.52 -15.12
N ASP A 242 15.93 16.65 -15.73
CA ASP A 242 17.21 16.80 -16.42
C ASP A 242 18.23 17.30 -15.41
N VAL A 243 19.03 16.39 -14.85
CA VAL A 243 19.89 16.81 -13.75
C VAL A 243 20.99 17.73 -14.26
N SER A 244 21.31 17.67 -15.55
CA SER A 244 22.37 18.51 -16.10
C SER A 244 21.97 19.97 -16.19
N ASP A 245 20.68 20.26 -16.07
CA ASP A 245 20.15 21.61 -16.10
C ASP A 245 19.93 22.04 -14.65
N GLU A 246 20.80 22.91 -14.15
CA GLU A 246 20.75 23.28 -12.74
C GLU A 246 19.40 23.86 -12.36
N THR A 247 18.79 24.65 -13.25
CA THR A 247 17.49 25.23 -12.93
C THR A 247 16.41 24.15 -12.84
N ALA A 248 16.38 23.22 -13.80
CA ALA A 248 15.42 22.12 -13.74
C ALA A 248 15.66 21.25 -12.52
N PHE A 249 16.94 20.99 -12.21
CA PHE A 249 17.23 20.14 -11.07
C PHE A 249 16.80 20.80 -9.76
N LYS A 250 17.13 22.07 -9.58
CA LYS A 250 16.79 22.73 -8.33
C LYS A 250 15.28 22.81 -8.14
N GLU A 251 14.54 23.02 -9.23
CA GLU A 251 13.09 23.01 -9.13
CA GLU A 251 13.09 23.01 -9.13
C GLU A 251 12.58 21.63 -8.74
N PHE A 252 13.13 20.59 -9.35
CA PHE A 252 12.70 19.23 -9.03
C PHE A 252 13.08 18.86 -7.59
N PHE A 253 14.31 19.19 -7.17
CA PHE A 253 14.76 18.90 -5.81
C PHE A 253 13.87 19.60 -4.78
N GLN A 254 13.56 20.88 -5.00
CA GLN A 254 12.64 21.55 -4.09
C GLN A 254 11.29 20.87 -4.02
N ALA A 255 10.74 20.43 -5.16
CA ALA A 255 9.47 19.71 -5.15
C ALA A 255 9.58 18.43 -4.30
N ARG A 256 10.71 17.74 -4.37
CA ARG A 256 10.87 16.53 -3.57
C ARG A 256 11.02 16.86 -2.10
N LEU A 257 11.74 17.93 -1.77
CA LEU A 257 11.79 18.33 -0.37
CA LEU A 257 11.79 18.35 -0.37
C LEU A 257 10.39 18.71 0.12
N ASP A 258 9.61 19.40 -0.71
CA ASP A 258 8.24 19.72 -0.32
C ASP A 258 7.44 18.45 -0.06
N ASP A 259 7.63 17.41 -0.87
CA ASP A 259 6.96 16.11 -0.66
C ASP A 259 7.33 15.56 0.71
N MET A 260 8.62 15.57 1.03
CA MET A 260 9.10 15.05 2.31
C MET A 260 8.51 15.82 3.47
N ILE A 261 8.46 17.15 3.37
CA ILE A 261 7.92 17.98 4.44
C ILE A 261 6.42 17.72 4.60
N GLU A 262 5.67 17.58 3.50
CA GLU A 262 4.24 17.35 3.64
C GLU A 262 3.98 16.02 4.34
N ASP A 263 4.78 15.00 4.00
CA ASP A 263 4.68 13.70 4.67
C ASP A 263 5.04 13.82 6.15
N ILE A 264 6.15 14.51 6.47
CA ILE A 264 6.56 14.63 7.87
C ILE A 264 5.48 15.35 8.68
N GLU A 265 4.92 16.42 8.12
CA GLU A 265 3.91 17.17 8.86
C GLU A 265 2.64 16.34 9.02
N CYS A 266 2.32 15.51 8.04
CA CYS A 266 1.18 14.61 8.19
CA CYS A 266 1.19 14.61 8.20
C CYS A 266 1.47 13.50 9.21
N ILE A 267 2.70 13.00 9.24
CA ILE A 267 3.08 11.96 10.21
C ILE A 267 2.88 12.46 11.62
N LYS A 268 3.01 13.76 11.83
CA LYS A 268 2.85 14.28 13.18
C LYS A 268 1.41 14.23 13.70
N ALA A 269 0.44 13.89 12.85
CA ALA A 269 -0.89 13.62 13.36
C ALA A 269 -1.05 12.21 13.93
N PHE A 270 -0.11 11.31 13.68
CA PHE A 270 -0.19 9.98 14.26
C PHE A 270 0.07 10.03 15.74
N ASP A 271 -0.26 8.94 16.44
CA ASP A 271 0.02 8.88 17.87
C ASP A 271 1.53 9.05 18.11
N GLN A 272 1.90 9.49 19.33
CA GLN A 272 3.29 9.90 19.55
C GLN A 272 4.30 8.79 19.24
N LEU A 273 4.05 7.56 19.71
CA LEU A 273 5.04 6.52 19.48
C LEU A 273 5.19 6.21 18.00
N THR A 274 4.06 6.13 17.30
CA THR A 274 4.13 5.81 15.87
C THR A 274 4.86 6.90 15.12
N GLN A 275 4.56 8.15 15.41
CA GLN A 275 5.25 9.21 14.71
C GLN A 275 6.75 9.20 15.03
N ASP A 276 7.12 8.92 16.29
CA ASP A 276 8.53 8.80 16.60
C ASP A 276 9.20 7.77 15.72
N VAL A 277 8.57 6.61 15.58
CA VAL A 277 9.17 5.52 14.82
C VAL A 277 9.27 5.91 13.33
N PHE A 278 8.19 6.48 12.78
CA PHE A 278 8.23 6.86 11.35
C PHE A 278 9.32 7.88 11.11
N LEU A 279 9.42 8.90 11.99
CA LEU A 279 10.37 9.98 11.75
C LEU A 279 11.80 9.55 12.00
N ASP A 280 12.01 8.72 13.03
CA ASP A 280 13.33 8.14 13.27
C ASP A 280 13.79 7.32 12.07
N LEU A 281 12.86 6.63 11.41
CA LEU A 281 13.18 5.83 10.24
C LEU A 281 13.66 6.71 9.09
N ILE A 282 12.89 7.75 8.75
CA ILE A 282 13.26 8.63 7.65
C ILE A 282 14.57 9.36 7.97
N TYR A 283 14.68 9.94 9.17
CA TYR A 283 15.91 10.68 9.49
C TYR A 283 17.10 9.73 9.71
N GLY A 284 16.90 8.61 10.39
CA GLY A 284 17.97 7.65 10.55
C GLY A 284 18.49 7.10 9.23
N ASN A 285 17.58 6.84 8.28
CA ASN A 285 18.04 6.38 6.99
C ASN A 285 18.95 7.41 6.36
N PHE A 286 18.62 8.69 6.50
CA PHE A 286 19.47 9.71 5.91
C PHE A 286 20.85 9.73 6.54
N VAL A 287 20.94 9.63 7.87
CA VAL A 287 22.24 9.62 8.55
CA VAL A 287 22.27 9.67 8.47
C VAL A 287 23.07 8.43 8.10
N TRP A 288 22.43 7.26 8.02
CA TRP A 288 23.19 6.07 7.63
C TRP A 288 23.65 6.18 6.19
N THR A 289 22.77 6.69 5.32
CA THR A 289 23.08 6.84 3.91
C THR A 289 24.30 7.72 3.71
N THR A 290 24.39 8.80 4.48
CA THR A 290 25.48 9.74 4.25
C THR A 290 26.74 9.37 5.00
N SER A 291 26.70 8.37 5.88
CA SER A 291 27.86 8.03 6.69
C SER A 291 28.76 6.97 6.06
N ASN A 292 28.24 6.16 5.15
CA ASN A 292 28.90 4.91 4.72
C ASN A 292 29.07 4.82 3.21
N ASP B 12 -22.39 26.18 4.02
CA ASP B 12 -22.11 25.06 4.92
C ASP B 12 -21.96 23.78 4.12
N ILE B 13 -20.79 23.14 4.23
CA ILE B 13 -20.53 21.93 3.46
C ILE B 13 -21.54 20.84 3.79
N GLY B 14 -22.05 20.83 5.02
CA GLY B 14 -23.09 19.89 5.41
C GLY B 14 -24.36 19.98 4.57
N ARG B 15 -24.53 21.06 3.81
CA ARG B 15 -25.67 21.20 2.90
C ARG B 15 -25.27 21.26 1.43
N SER B 16 -23.98 21.13 1.12
CA SER B 16 -23.56 21.19 -0.27
CA SER B 16 -23.54 21.17 -0.27
C SER B 16 -24.04 19.93 -1.02
N SER B 17 -23.99 20.03 -2.35
CA SER B 17 -24.55 18.99 -3.18
C SER B 17 -23.82 19.00 -4.52
N VAL B 18 -23.68 17.81 -5.11
CA VAL B 18 -23.19 17.73 -6.48
C VAL B 18 -24.34 17.51 -7.46
N ARG B 19 -25.59 17.54 -6.97
CA ARG B 19 -26.74 17.33 -7.84
C ARG B 19 -26.71 18.13 -9.14
N PRO B 20 -26.31 19.41 -9.18
CA PRO B 20 -26.26 20.12 -10.47
C PRO B 20 -25.38 19.43 -11.50
N TYR B 21 -24.42 18.61 -11.06
CA TYR B 21 -23.43 18.01 -11.94
C TYR B 21 -23.69 16.53 -12.21
N LEU B 22 -24.73 15.96 -11.60
CA LEU B 22 -24.94 14.52 -11.61
C LEU B 22 -25.00 13.97 -13.03
N GLU B 23 -25.83 14.58 -13.88
CA GLU B 23 -25.99 14.05 -15.22
C GLU B 23 -24.72 14.22 -16.05
N GLU B 24 -24.13 15.40 -16.02
CA GLU B 24 -22.97 15.67 -16.83
C GLU B 24 -21.77 14.82 -16.41
N CYS B 25 -21.56 14.67 -15.11
CA CYS B 25 -20.45 13.84 -14.64
C CYS B 25 -20.68 12.37 -14.96
N THR B 26 -21.92 11.87 -14.83
CA THR B 26 -22.19 10.49 -15.22
C THR B 26 -21.86 10.28 -16.70
N ARG B 27 -22.31 11.21 -17.54
CA ARG B 27 -22.02 11.11 -18.96
CA ARG B 27 -22.01 11.16 -18.96
C ARG B 27 -20.51 11.15 -19.23
N ARG B 28 -19.77 12.00 -18.52
CA ARG B 28 -18.33 12.12 -18.77
CA ARG B 28 -18.33 12.12 -18.77
C ARG B 28 -17.57 10.90 -18.25
N PHE B 29 -18.02 10.31 -17.13
CA PHE B 29 -17.38 9.06 -16.69
C PHE B 29 -17.55 7.99 -17.76
N GLN B 30 -18.77 7.85 -18.26
CA GLN B 30 -19.06 6.79 -19.23
C GLN B 30 -18.29 7.04 -20.52
N GLU B 31 -18.20 8.30 -20.94
CA GLU B 31 -17.42 8.62 -22.12
C GLU B 31 -15.95 8.25 -21.93
N MET B 32 -15.41 8.56 -20.75
CA MET B 32 -14.02 8.22 -20.47
C MET B 32 -13.81 6.71 -20.54
N PHE B 33 -14.69 5.92 -19.91
CA PHE B 33 -14.53 4.47 -19.94
C PHE B 33 -14.65 3.93 -21.36
N ASP B 34 -15.59 4.47 -22.14
CA ASP B 34 -15.75 3.98 -23.50
C ASP B 34 -14.48 4.19 -24.33
N ARG B 35 -13.82 5.33 -24.13
CA ARG B 35 -12.61 5.67 -24.86
C ARG B 35 -11.38 4.91 -24.36
N HIS B 36 -11.26 4.73 -23.05
CA HIS B 36 -10.00 4.30 -22.45
C HIS B 36 -9.99 2.84 -22.01
N VAL B 37 -11.14 2.28 -21.64
CA VAL B 37 -11.21 0.88 -21.27
C VAL B 37 -11.81 0.04 -22.39
N VAL B 38 -12.83 0.58 -23.06
CA VAL B 38 -13.47 0.03 -24.25
C VAL B 38 -14.28 -1.20 -23.89
N THR B 39 -13.62 -2.23 -23.35
CA THR B 39 -14.28 -3.49 -23.03
C THR B 39 -15.40 -3.27 -22.01
N ARG B 40 -16.62 -3.59 -22.42
CA ARG B 40 -17.78 -3.35 -21.59
C ARG B 40 -17.82 -4.33 -20.44
N PRO B 41 -18.22 -3.89 -19.25
CA PRO B 41 -18.47 -4.81 -18.14
C PRO B 41 -19.56 -5.83 -18.47
N THR B 42 -19.36 -7.04 -17.97
CA THR B 42 -20.33 -8.11 -18.05
C THR B 42 -20.50 -8.66 -16.64
N LYS B 43 -21.61 -9.35 -16.43
CA LYS B 43 -22.01 -9.79 -15.10
C LYS B 43 -21.68 -11.27 -14.97
N VAL B 44 -20.91 -11.63 -13.94
CA VAL B 44 -20.71 -13.03 -13.63
C VAL B 44 -22.06 -13.65 -13.33
N GLU B 45 -22.29 -14.85 -13.89
CA GLU B 45 -23.54 -15.55 -13.63
CA GLU B 45 -23.54 -15.55 -13.63
C GLU B 45 -23.37 -16.47 -12.43
N LEU B 46 -24.34 -16.41 -11.51
CA LEU B 46 -24.46 -17.35 -10.40
C LEU B 46 -25.65 -18.24 -10.68
N THR B 47 -25.50 -19.55 -10.46
CA THR B 47 -26.70 -20.39 -10.49
C THR B 47 -27.60 -20.05 -9.30
N ASP B 48 -28.87 -20.46 -9.39
CA ASP B 48 -29.75 -20.31 -8.23
C ASP B 48 -29.14 -20.94 -6.99
N ALA B 49 -28.56 -22.13 -7.13
CA ALA B 49 -28.00 -22.83 -5.98
C ALA B 49 -26.83 -22.05 -5.39
N GLU B 50 -25.98 -21.51 -6.24
CA GLU B 50 -24.81 -20.75 -5.78
CA GLU B 50 -24.85 -20.82 -5.65
C GLU B 50 -25.25 -19.46 -5.11
N LEU B 51 -26.24 -18.78 -5.70
CA LEU B 51 -26.75 -17.58 -5.03
C LEU B 51 -27.35 -17.94 -3.67
N ARG B 52 -28.08 -19.05 -3.59
CA ARG B 52 -28.68 -19.39 -2.30
C ARG B 52 -27.61 -19.72 -1.26
N GLU B 53 -26.53 -20.38 -1.70
CA GLU B 53 -25.43 -20.69 -0.78
C GLU B 53 -24.79 -19.40 -0.26
N VAL B 54 -24.57 -18.42 -1.14
CA VAL B 54 -24.06 -17.12 -0.72
C VAL B 54 -24.98 -16.47 0.31
N ILE B 55 -26.28 -16.39 0.00
CA ILE B 55 -27.20 -15.71 0.89
C ILE B 55 -27.28 -16.42 2.24
N ASP B 56 -27.33 -17.76 2.23
CA ASP B 56 -27.34 -18.51 3.48
C ASP B 56 -26.12 -18.18 4.35
N ASP B 57 -24.94 -18.11 3.72
CA ASP B 57 -23.70 -17.80 4.47
C ASP B 57 -23.68 -16.37 4.95
N CYS B 58 -24.19 -15.43 4.15
CA CYS B 58 -24.35 -14.06 4.63
C CYS B 58 -25.24 -14.01 5.87
N ASN B 59 -26.42 -14.63 5.81
CA ASN B 59 -27.30 -14.61 6.96
C ASN B 59 -26.67 -15.27 8.17
N ALA B 60 -26.01 -16.42 7.99
CA ALA B 60 -25.32 -17.04 9.12
C ALA B 60 -24.28 -16.09 9.72
N ALA B 61 -23.57 -15.34 8.89
CA ALA B 61 -22.46 -14.54 9.44
C ALA B 61 -22.93 -13.37 10.27
N VAL B 62 -24.09 -12.80 9.95
CA VAL B 62 -24.55 -11.63 10.66
C VAL B 62 -25.64 -11.96 11.68
N ALA B 63 -26.06 -13.22 11.75
CA ALA B 63 -27.07 -13.60 12.74
C ALA B 63 -26.62 -13.39 14.17
N PRO B 64 -25.36 -13.66 14.56
CA PRO B 64 -24.94 -13.36 15.93
C PRO B 64 -25.08 -11.90 16.29
N LEU B 65 -25.11 -11.01 15.31
CA LEU B 65 -25.35 -9.60 15.58
C LEU B 65 -26.81 -9.27 15.66
N GLY B 66 -27.69 -10.26 15.46
CA GLY B 66 -29.11 -10.00 15.49
C GLY B 66 -29.63 -9.23 14.30
N LYS B 67 -28.90 -9.28 13.20
CA LYS B 67 -29.30 -8.60 11.97
C LYS B 67 -30.15 -9.56 11.17
N THR B 68 -31.32 -9.09 10.77
CA THR B 68 -32.02 -9.72 9.69
C THR B 68 -31.85 -8.80 8.49
N VAL B 69 -31.54 -9.41 7.36
CA VAL B 69 -31.34 -8.73 6.09
C VAL B 69 -32.14 -9.47 5.03
N SER B 70 -32.78 -8.72 4.15
CA SER B 70 -33.61 -9.33 3.12
C SER B 70 -32.75 -9.86 1.97
N ASP B 71 -33.26 -10.89 1.31
CA ASP B 71 -32.63 -11.38 0.06
C ASP B 71 -32.38 -10.25 -0.92
N GLU B 72 -33.38 -9.35 -1.07
CA GLU B 72 -33.24 -8.23 -1.99
C GLU B 72 -32.03 -7.39 -1.63
N ARG B 73 -31.84 -7.12 -0.34
CA ARG B 73 -30.68 -6.32 0.08
CA ARG B 73 -30.68 -6.32 0.08
C ARG B 73 -29.38 -7.05 -0.21
N TRP B 74 -29.30 -8.35 0.09
CA TRP B 74 -28.07 -9.11 -0.20
C TRP B 74 -27.79 -9.13 -1.70
N ILE B 75 -28.83 -9.36 -2.51
CA ILE B 75 -28.62 -9.42 -3.95
C ILE B 75 -28.11 -8.10 -4.49
N SER B 76 -28.56 -6.98 -3.91
CA SER B 76 -28.09 -5.67 -4.36
C SER B 76 -26.61 -5.53 -4.08
N TYR B 77 -26.16 -5.98 -2.90
CA TYR B 77 -24.73 -5.96 -2.61
C TYR B 77 -23.93 -6.91 -3.47
N VAL B 78 -24.44 -8.15 -3.67
CA VAL B 78 -23.65 -9.10 -4.42
CA VAL B 78 -23.78 -9.18 -4.48
C VAL B 78 -23.48 -8.63 -5.87
N GLY B 79 -24.42 -7.80 -6.39
CA GLY B 79 -24.25 -7.25 -7.72
C GLY B 79 -22.90 -6.55 -7.94
N LEU B 80 -22.36 -5.91 -6.91
CA LEU B 80 -21.05 -5.29 -7.05
C LEU B 80 -19.99 -6.31 -7.44
N VAL B 81 -20.00 -7.47 -6.79
CA VAL B 81 -19.04 -8.51 -7.14
C VAL B 81 -19.34 -9.09 -8.53
N LEU B 82 -20.63 -9.29 -8.84
CA LEU B 82 -20.93 -9.89 -10.14
C LEU B 82 -20.50 -8.96 -11.28
N TRP B 83 -20.68 -7.65 -11.10
CA TRP B 83 -20.29 -6.68 -12.12
C TRP B 83 -18.80 -6.41 -12.15
N SER B 84 -18.16 -6.34 -10.98
CA SER B 84 -16.79 -5.84 -10.93
C SER B 84 -15.77 -6.92 -11.22
N GLN B 85 -16.07 -8.18 -10.93
CA GLN B 85 -15.13 -9.23 -11.28
C GLN B 85 -15.16 -9.51 -12.79
N SER B 86 -14.21 -10.33 -13.25
CA SER B 86 -13.87 -10.45 -14.66
C SER B 86 -14.22 -11.88 -15.10
N PRO B 87 -15.43 -12.11 -15.64
CA PRO B 87 -15.87 -13.52 -15.83
C PRO B 87 -15.00 -14.35 -16.78
N ARG B 88 -14.37 -13.74 -17.78
CA ARG B 88 -13.54 -14.55 -18.69
C ARG B 88 -12.41 -15.25 -17.98
N HIS B 89 -11.90 -14.68 -16.87
CA HIS B 89 -10.68 -15.19 -16.26
C HIS B 89 -10.92 -16.03 -15.01
N ILE B 90 -12.17 -16.26 -14.62
CA ILE B 90 -12.47 -16.97 -13.38
C ILE B 90 -12.02 -18.42 -13.48
N LYS B 91 -11.33 -18.88 -12.44
CA LYS B 91 -10.94 -20.28 -12.35
C LYS B 91 -11.46 -20.99 -11.12
N ASP B 92 -11.82 -20.24 -10.07
CA ASP B 92 -12.22 -20.84 -8.80
C ASP B 92 -13.50 -20.17 -8.32
N MET B 93 -14.64 -20.85 -8.53
CA MET B 93 -15.91 -20.28 -8.10
C MET B 93 -16.15 -20.41 -6.61
N GLU B 94 -15.40 -21.26 -5.91
CA GLU B 94 -15.43 -21.23 -4.45
C GLU B 94 -14.89 -19.92 -3.92
N ALA B 95 -13.70 -19.54 -4.39
CA ALA B 95 -13.15 -18.21 -4.08
C ALA B 95 -14.13 -17.11 -4.47
N PHE B 96 -14.81 -17.26 -5.62
CA PHE B 96 -15.76 -16.25 -6.04
C PHE B 96 -16.90 -16.12 -5.05
N LYS B 97 -17.47 -17.25 -4.62
CA LYS B 97 -18.53 -17.18 -3.62
C LYS B 97 -18.03 -16.53 -2.34
N ALA B 98 -16.78 -16.80 -1.94
CA ALA B 98 -16.24 -16.18 -0.74
C ALA B 98 -16.28 -14.67 -0.87
N VAL B 99 -15.86 -14.15 -2.02
CA VAL B 99 -15.83 -12.70 -2.17
C VAL B 99 -17.24 -12.14 -2.13
N CYS B 100 -18.21 -12.87 -2.71
CA CYS B 100 -19.60 -12.49 -2.60
C CYS B 100 -20.02 -12.37 -1.13
N VAL B 101 -19.73 -13.39 -0.34
CA VAL B 101 -20.14 -13.37 1.05
C VAL B 101 -19.40 -12.29 1.82
N LEU B 102 -18.07 -12.21 1.65
CA LEU B 102 -17.30 -11.24 2.42
C LEU B 102 -17.68 -9.80 2.07
N ASN B 103 -17.88 -9.52 0.77
CA ASN B 103 -18.33 -8.20 0.36
C ASN B 103 -19.65 -7.87 1.03
N CYS B 104 -20.60 -8.80 0.98
CA CYS B 104 -21.94 -8.53 1.46
C CYS B 104 -21.93 -8.30 2.97
N VAL B 105 -21.24 -9.15 3.72
CA VAL B 105 -21.34 -8.99 5.17
C VAL B 105 -20.59 -7.74 5.62
N THR B 106 -19.54 -7.34 4.91
CA THR B 106 -18.82 -6.11 5.22
CA THR B 106 -18.89 -6.12 5.36
C THR B 106 -19.68 -4.87 4.94
N PHE B 107 -20.45 -4.91 3.85
CA PHE B 107 -21.41 -3.84 3.59
C PHE B 107 -22.39 -3.69 4.74
N VAL B 108 -22.91 -4.82 5.23
CA VAL B 108 -23.89 -4.77 6.32
C VAL B 108 -23.23 -4.26 7.60
N TRP B 109 -22.02 -4.72 7.88
CA TRP B 109 -21.25 -4.21 9.02
C TRP B 109 -21.01 -2.70 8.92
N ASP B 110 -20.69 -2.20 7.73
CA ASP B 110 -20.40 -0.78 7.58
CA ASP B 110 -20.39 -0.78 7.57
C ASP B 110 -21.64 0.08 7.70
N ASP B 111 -22.81 -0.44 7.40
CA ASP B 111 -24.07 0.30 7.53
CA ASP B 111 -23.98 0.42 7.57
C ASP B 111 -24.64 0.27 8.94
N MET B 112 -24.06 -0.52 9.84
CA MET B 112 -24.56 -0.62 11.20
C MET B 112 -24.15 0.59 12.01
N ASP B 113 -24.97 0.94 13.00
CA ASP B 113 -24.50 1.83 14.05
C ASP B 113 -23.22 1.27 14.66
N PRO B 114 -22.09 1.99 14.61
CA PRO B 114 -20.84 1.44 15.16
C PRO B 114 -20.93 1.09 16.63
N ALA B 115 -21.88 1.69 17.36
CA ALA B 115 -22.07 1.33 18.76
C ALA B 115 -22.42 -0.14 18.91
N LEU B 116 -22.94 -0.77 17.85
CA LEU B 116 -23.33 -2.17 17.86
C LEU B 116 -22.27 -3.10 17.28
N HIS B 117 -21.07 -2.59 17.00
CA HIS B 117 -20.00 -3.41 16.41
C HIS B 117 -19.37 -4.31 17.46
N ASP B 118 -19.75 -5.58 17.44
CA ASP B 118 -19.17 -6.58 18.33
C ASP B 118 -18.13 -7.38 17.56
N PHE B 119 -16.85 -7.01 17.71
CA PHE B 119 -15.83 -7.72 16.95
C PHE B 119 -15.68 -9.15 17.42
N GLY B 120 -15.92 -9.41 18.72
CA GLY B 120 -15.79 -10.77 19.20
C GLY B 120 -16.78 -11.72 18.57
N LEU B 121 -17.92 -11.19 18.12
CA LEU B 121 -18.92 -11.98 17.39
C LEU B 121 -18.66 -12.02 15.89
N PHE B 122 -18.16 -10.92 15.32
CA PHE B 122 -18.07 -10.78 13.88
C PHE B 122 -16.80 -11.40 13.30
N LEU B 123 -15.64 -11.13 13.91
CA LEU B 123 -14.40 -11.69 13.35
C LEU B 123 -14.41 -13.21 13.22
N PRO B 124 -14.90 -13.99 14.18
CA PRO B 124 -14.94 -15.45 13.95
C PRO B 124 -15.82 -15.86 12.78
N GLN B 125 -16.86 -15.09 12.49
CA GLN B 125 -17.70 -15.40 11.32
C GLN B 125 -16.94 -15.14 10.02
N LEU B 126 -16.14 -14.06 9.97
CA LEU B 126 -15.29 -13.85 8.81
C LEU B 126 -14.30 -14.99 8.64
N ARG B 127 -13.69 -15.44 9.74
CA ARG B 127 -12.75 -16.56 9.66
CA ARG B 127 -12.76 -16.57 9.68
C ARG B 127 -13.45 -17.82 9.15
N LYS B 128 -14.67 -18.08 9.61
CA LYS B 128 -15.44 -19.25 9.16
C LYS B 128 -15.67 -19.21 7.65
N ILE B 129 -16.02 -18.04 7.12
CA ILE B 129 -16.20 -17.87 5.69
C ILE B 129 -14.91 -18.18 4.95
N CYS B 130 -13.80 -17.59 5.42
CA CYS B 130 -12.53 -17.78 4.73
C CYS B 130 -12.12 -19.25 4.74
N GLU B 131 -12.27 -19.90 5.88
CA GLU B 131 -11.85 -21.30 5.97
C GLU B 131 -12.74 -22.23 5.15
N LYS B 132 -13.98 -21.85 4.90
CA LYS B 132 -14.86 -22.69 4.09
C LYS B 132 -14.43 -22.70 2.62
N TYR B 133 -14.15 -21.52 2.06
CA TYR B 133 -14.03 -21.34 0.62
C TYR B 133 -12.61 -21.32 0.11
N TYR B 134 -11.62 -21.04 0.95
CA TYR B 134 -10.25 -20.94 0.50
C TYR B 134 -9.38 -22.07 1.04
N GLY B 135 -8.29 -22.35 0.33
CA GLY B 135 -7.22 -23.18 0.85
C GLY B 135 -6.55 -22.56 2.06
N PRO B 136 -5.72 -23.35 2.75
CA PRO B 136 -5.23 -22.89 4.05
C PRO B 136 -4.48 -21.57 3.98
N GLU B 137 -3.60 -21.41 2.98
CA GLU B 137 -2.82 -20.18 2.85
C GLU B 137 -3.70 -19.00 2.44
N ASP B 138 -4.51 -19.20 1.40
CA ASP B 138 -5.37 -18.12 0.95
C ASP B 138 -6.36 -17.71 2.02
N ALA B 139 -6.85 -18.65 2.81
CA ALA B 139 -7.82 -18.30 3.85
C ALA B 139 -7.20 -17.32 4.83
N GLU B 140 -5.91 -17.49 5.14
CA GLU B 140 -5.24 -16.59 6.08
C GLU B 140 -5.00 -15.22 5.48
N VAL B 141 -4.65 -15.17 4.19
CA VAL B 141 -4.47 -13.91 3.49
C VAL B 141 -5.79 -13.14 3.43
N ALA B 142 -6.87 -13.81 3.01
CA ALA B 142 -8.15 -13.13 2.94
C ALA B 142 -8.62 -12.70 4.33
N TYR B 143 -8.47 -13.56 5.34
CA TYR B 143 -8.95 -13.18 6.65
C TYR B 143 -8.14 -12.01 7.21
N GLU B 144 -6.83 -12.04 7.02
CA GLU B 144 -6.04 -10.95 7.56
C GLU B 144 -6.45 -9.63 6.92
N ALA B 145 -6.73 -9.65 5.62
CA ALA B 145 -7.11 -8.40 4.95
C ALA B 145 -8.49 -7.92 5.43
N ALA B 146 -9.42 -8.85 5.67
CA ALA B 146 -10.72 -8.51 6.23
C ALA B 146 -10.57 -7.92 7.62
N ARG B 147 -9.80 -8.60 8.48
CA ARG B 147 -9.53 -8.12 9.83
C ARG B 147 -8.89 -6.74 9.81
N ALA B 148 -7.88 -6.56 8.96
CA ALA B 148 -7.20 -5.26 8.93
C ALA B 148 -8.15 -4.16 8.49
N PHE B 149 -9.02 -4.45 7.51
CA PHE B 149 -9.99 -3.48 7.02
C PHE B 149 -10.96 -3.04 8.12
N VAL B 150 -11.64 -3.98 8.78
CA VAL B 150 -12.64 -3.56 9.75
C VAL B 150 -11.96 -2.95 10.98
N THR B 151 -10.76 -3.39 11.30
CA THR B 151 -10.01 -2.83 12.44
C THR B 151 -9.58 -1.40 12.13
N SER B 152 -9.17 -1.14 10.88
CA SER B 152 -8.83 0.23 10.44
C SER B 152 -10.01 1.16 10.59
N ASP B 153 -11.19 0.72 10.14
CA ASP B 153 -12.37 1.55 10.23
C ASP B 153 -12.61 1.97 11.68
N HIS B 154 -12.43 1.03 12.60
CA HIS B 154 -12.67 1.30 14.01
C HIS B 154 -11.66 2.29 14.56
N MET B 155 -10.39 2.06 14.25
CA MET B 155 -9.33 2.88 14.84
CA MET B 155 -9.40 2.91 14.89
C MET B 155 -9.34 4.31 14.28
N PHE B 156 -9.82 4.53 13.06
CA PHE B 156 -9.82 5.88 12.48
C PHE B 156 -11.09 6.68 12.69
N ARG B 157 -12.13 6.09 13.27
CA ARG B 157 -13.30 6.90 13.57
C ARG B 157 -12.90 8.02 14.54
N ASP B 158 -13.11 9.28 14.12
CA ASP B 158 -12.77 10.47 14.90
C ASP B 158 -11.27 10.62 15.14
N SER B 159 -10.43 10.01 14.32
CA SER B 159 -8.99 10.08 14.53
C SER B 159 -8.40 11.32 13.86
N PRO B 160 -7.45 12.02 14.50
CA PRO B 160 -6.82 13.15 13.81
C PRO B 160 -6.02 12.74 12.59
N ILE B 161 -5.61 11.47 12.49
CA ILE B 161 -4.93 11.01 11.28
C ILE B 161 -5.86 11.08 10.09
N LYS B 162 -7.11 10.62 10.26
CA LYS B 162 -8.08 10.69 9.18
C LYS B 162 -8.27 12.13 8.74
N ALA B 163 -8.46 13.04 9.70
CA ALA B 163 -8.61 14.45 9.35
C ALA B 163 -7.41 14.97 8.57
N ALA B 164 -6.20 14.66 9.04
CA ALA B 164 -5.00 15.14 8.35
C ALA B 164 -4.95 14.61 6.93
N LEU B 165 -5.06 13.30 6.78
CA LEU B 165 -4.85 12.74 5.45
C LEU B 165 -5.95 13.16 4.49
N CYS B 166 -7.17 13.30 5.01
CA CYS B 166 -8.31 13.58 4.13
C CYS B 166 -8.47 15.04 3.78
N THR B 167 -7.80 15.96 4.49
CA THR B 167 -7.95 17.38 4.18
C THR B 167 -6.69 18.02 3.61
N THR B 168 -5.56 17.30 3.54
CA THR B 168 -4.30 17.91 3.15
C THR B 168 -4.15 18.07 1.64
N SER B 169 -4.36 16.99 0.88
CA SER B 169 -4.19 17.00 -0.56
C SER B 169 -4.83 15.72 -1.12
N PRO B 170 -5.17 15.72 -2.42
CA PRO B 170 -5.69 14.47 -3.01
C PRO B 170 -4.74 13.31 -2.82
N GLU B 171 -3.42 13.54 -2.92
CA GLU B 171 -2.46 12.46 -2.77
C GLU B 171 -2.50 11.85 -1.37
N GLN B 172 -2.58 12.69 -0.33
CA GLN B 172 -2.70 12.14 1.02
C GLN B 172 -4.03 11.43 1.19
N TYR B 173 -5.08 11.97 0.59
CA TYR B 173 -6.39 11.36 0.73
C TYR B 173 -6.43 9.97 0.09
N PHE B 174 -5.92 9.86 -1.14
CA PHE B 174 -5.95 8.56 -1.80
C PHE B 174 -5.02 7.58 -1.11
N ARG B 175 -3.93 8.07 -0.50
CA ARG B 175 -3.07 7.19 0.29
C ARG B 175 -3.86 6.54 1.43
N PHE B 176 -4.73 7.31 2.06
CA PHE B 176 -5.55 6.76 3.14
C PHE B 176 -6.58 5.79 2.59
N ARG B 177 -7.16 6.11 1.43
CA ARG B 177 -8.26 5.31 0.91
C ARG B 177 -7.84 3.97 0.31
N VAL B 178 -6.54 3.76 0.00
CA VAL B 178 -6.07 2.43 -0.45
C VAL B 178 -6.58 1.35 0.49
N THR B 179 -6.52 1.64 1.80
CA THR B 179 -7.12 0.75 2.79
C THR B 179 -8.56 1.10 3.08
N ASP B 180 -8.84 2.38 3.30
CA ASP B 180 -10.14 2.75 3.87
C ASP B 180 -11.30 2.45 2.96
N ILE B 181 -11.12 2.54 1.64
CA ILE B 181 -12.25 2.24 0.76
C ILE B 181 -12.43 0.74 0.56
N GLY B 182 -11.46 -0.06 0.98
CA GLY B 182 -11.58 -1.51 0.93
C GLY B 182 -10.88 -2.18 -0.23
N VAL B 183 -10.12 -1.44 -1.02
CA VAL B 183 -9.67 -2.13 -2.22
C VAL B 183 -8.50 -3.06 -1.93
N ASP B 184 -7.67 -2.77 -0.93
CA ASP B 184 -6.64 -3.75 -0.61
C ASP B 184 -7.28 -5.06 -0.15
N PHE B 185 -8.35 -4.95 0.65
CA PHE B 185 -9.11 -6.11 1.08
C PHE B 185 -9.65 -6.84 -0.14
N TRP B 186 -10.31 -6.09 -1.04
CA TRP B 186 -10.89 -6.71 -2.23
C TRP B 186 -9.85 -7.51 -3.01
N MET B 187 -8.66 -6.94 -3.25
CA MET B 187 -7.66 -7.65 -4.03
C MET B 187 -7.16 -8.89 -3.31
N LYS B 188 -6.96 -8.77 -1.99
CA LYS B 188 -6.42 -9.89 -1.23
C LYS B 188 -7.44 -11.00 -0.98
N MET B 189 -8.75 -10.77 -1.17
CA MET B 189 -9.66 -11.91 -1.22
C MET B 189 -10.01 -12.34 -2.64
N SER B 190 -9.74 -11.51 -3.65
CA SER B 190 -10.10 -11.87 -5.02
C SER B 190 -9.04 -12.64 -5.78
N TYR B 191 -7.74 -12.54 -5.45
CA TYR B 191 -6.78 -13.22 -6.33
C TYR B 191 -7.00 -14.73 -6.44
N PRO B 192 -7.48 -15.47 -5.43
CA PRO B 192 -7.74 -16.91 -5.63
C PRO B 192 -8.78 -17.19 -6.68
N ILE B 193 -9.66 -16.23 -6.98
CA ILE B 193 -10.63 -16.44 -8.06
C ILE B 193 -9.93 -16.78 -9.36
N TYR B 194 -8.77 -16.14 -9.61
CA TYR B 194 -8.14 -16.15 -10.91
C TYR B 194 -6.95 -17.10 -11.00
N ARG B 195 -6.30 -17.40 -9.87
N ARG B 195 -6.34 -17.45 -9.87
CA ARG B 195 -5.17 -18.33 -9.81
CA ARG B 195 -5.17 -18.34 -9.86
C ARG B 195 -4.07 -17.94 -10.79
C ARG B 195 -4.18 -17.92 -10.94
N HIS B 196 -3.88 -16.63 -10.97
CA HIS B 196 -2.99 -16.11 -11.99
C HIS B 196 -1.74 -15.62 -11.28
N PRO B 197 -0.57 -16.25 -11.46
CA PRO B 197 0.57 -15.89 -10.62
C PRO B 197 0.89 -14.41 -10.60
N GLU B 198 0.88 -13.69 -11.73
CA GLU B 198 1.23 -12.27 -11.64
C GLU B 198 0.23 -11.50 -10.82
N PHE B 199 -1.06 -11.77 -11.04
CA PHE B 199 -2.08 -11.06 -10.30
C PHE B 199 -1.97 -11.34 -8.81
N THR B 200 -1.70 -12.59 -8.46
CA THR B 200 -1.55 -12.97 -7.07
C THR B 200 -0.47 -12.14 -6.39
N GLU B 201 0.64 -11.94 -7.07
CA GLU B 201 1.72 -11.12 -6.49
C GLU B 201 1.32 -9.65 -6.40
N HIS B 202 0.67 -9.11 -7.42
CA HIS B 202 0.26 -7.70 -7.33
C HIS B 202 -0.77 -7.49 -6.23
N ALA B 203 -1.64 -8.48 -5.98
CA ALA B 203 -2.58 -8.37 -4.87
C ALA B 203 -1.83 -8.41 -3.54
N LYS B 204 -0.83 -9.29 -3.44
CA LYS B 204 -0.14 -9.49 -2.18
C LYS B 204 0.83 -8.35 -1.83
N THR B 205 1.38 -7.66 -2.83
CA THR B 205 2.22 -6.47 -2.58
C THR B 205 1.38 -5.22 -2.38
N SER B 206 0.07 -5.32 -2.63
CA SER B 206 -0.87 -4.21 -2.69
C SER B 206 -0.62 -3.26 -3.86
N LEU B 207 0.28 -3.57 -4.80
CA LEU B 207 0.35 -2.72 -6.00
C LEU B 207 -1.00 -2.72 -6.73
N ALA B 208 -1.70 -3.87 -6.73
CA ALA B 208 -3.02 -3.96 -7.35
C ALA B 208 -3.96 -2.93 -6.75
N ALA B 209 -3.99 -2.86 -5.42
CA ALA B 209 -4.83 -1.86 -4.78
C ALA B 209 -4.37 -0.44 -5.10
N ARG B 210 -3.06 -0.19 -5.06
CA ARG B 210 -2.60 1.16 -5.31
C ARG B 210 -2.96 1.62 -6.72
N MET B 211 -2.99 0.69 -7.70
CA MET B 211 -3.27 1.09 -9.08
C MET B 211 -4.73 1.42 -9.29
N THR B 212 -5.62 0.81 -8.51
CA THR B 212 -7.06 0.91 -8.78
C THR B 212 -7.77 1.83 -7.79
N THR B 213 -7.06 2.29 -6.74
CA THR B 213 -7.71 3.08 -5.69
C THR B 213 -8.38 4.35 -6.23
N ARG B 214 -7.66 5.11 -7.07
CA ARG B 214 -8.24 6.39 -7.51
C ARG B 214 -9.47 6.17 -8.37
N GLY B 215 -9.43 5.23 -9.32
CA GLY B 215 -10.60 5.04 -10.17
C GLY B 215 -11.83 4.58 -9.38
N LEU B 216 -11.63 3.77 -8.35
CA LEU B 216 -12.74 3.33 -7.53
C LEU B 216 -13.24 4.45 -6.62
N THR B 217 -12.31 5.15 -5.98
CA THR B 217 -12.64 6.13 -4.94
C THR B 217 -13.31 7.37 -5.55
N ILE B 218 -12.81 7.82 -6.70
CA ILE B 218 -13.38 9.03 -7.29
C ILE B 218 -14.84 8.80 -7.68
N VAL B 219 -15.13 7.65 -8.28
CA VAL B 219 -16.50 7.28 -8.63
C VAL B 219 -17.34 7.14 -7.39
N ASN B 220 -16.86 6.34 -6.42
CA ASN B 220 -17.66 6.15 -5.22
CA ASN B 220 -17.62 6.14 -5.18
C ASN B 220 -17.90 7.48 -4.52
N ASP B 221 -16.87 8.34 -4.43
CA ASP B 221 -16.98 9.62 -3.75
C ASP B 221 -17.97 10.52 -4.44
N PHE B 222 -17.99 10.52 -5.77
CA PHE B 222 -18.91 11.42 -6.45
C PHE B 222 -20.36 11.04 -6.14
N TYR B 223 -20.72 9.76 -6.22
CA TYR B 223 -22.10 9.34 -6.05
C TYR B 223 -22.52 9.22 -4.58
N SER B 224 -21.58 9.33 -3.64
CA SER B 224 -21.92 9.30 -2.21
CA SER B 224 -21.88 9.29 -2.20
C SER B 224 -21.81 10.67 -1.55
N TYR B 225 -21.36 11.68 -2.28
CA TYR B 225 -21.10 12.99 -1.69
C TYR B 225 -22.30 13.56 -0.95
N ASP B 226 -23.44 13.69 -1.62
CA ASP B 226 -24.57 14.33 -0.95
C ASP B 226 -24.90 13.61 0.36
N ARG B 227 -24.94 12.28 0.33
CA ARG B 227 -25.24 11.52 1.54
CA ARG B 227 -25.23 11.51 1.53
C ARG B 227 -24.16 11.72 2.60
N GLU B 228 -22.89 11.63 2.20
CA GLU B 228 -21.83 11.66 3.19
C GLU B 228 -21.67 13.02 3.84
N VAL B 229 -21.82 14.11 3.07
CA VAL B 229 -21.61 15.41 3.72
C VAL B 229 -22.80 15.72 4.63
N SER B 230 -23.99 15.25 4.29
CA SER B 230 -25.14 15.46 5.15
C SER B 230 -24.98 14.75 6.49
N LEU B 231 -24.05 13.79 6.58
CA LEU B 231 -23.79 13.08 7.82
C LEU B 231 -22.47 13.48 8.48
N GLY B 232 -21.81 14.52 7.99
CA GLY B 232 -20.54 14.92 8.57
C GLY B 232 -19.36 14.04 8.21
N GLN B 233 -19.52 13.12 7.27
CA GLN B 233 -18.40 12.26 6.88
C GLN B 233 -17.39 13.07 6.07
N ILE B 234 -16.10 12.96 6.43
CA ILE B 234 -15.07 13.73 5.77
C ILE B 234 -14.30 12.91 4.73
N THR B 235 -14.61 11.63 4.62
CA THR B 235 -13.85 10.75 3.72
CA THR B 235 -13.86 10.74 3.73
C THR B 235 -14.48 10.81 2.34
N ASN B 236 -14.24 11.93 1.67
CA ASN B 236 -14.75 12.15 0.31
C ASN B 236 -13.88 13.19 -0.39
N CYS B 237 -13.31 12.85 -1.55
CA CYS B 237 -12.34 13.76 -2.14
C CYS B 237 -12.97 15.05 -2.65
N PHE B 238 -14.28 15.07 -2.88
CA PHE B 238 -14.88 16.30 -3.38
C PHE B 238 -15.07 17.33 -2.27
N ARG B 239 -14.83 16.95 -1.01
CA ARG B 239 -14.71 17.95 0.04
C ARG B 239 -13.46 18.80 -0.11
N LEU B 240 -12.51 18.43 -0.98
CA LEU B 240 -11.30 19.20 -1.17
C LEU B 240 -11.46 20.34 -2.15
N CYS B 241 -12.65 20.48 -2.73
CA CYS B 241 -12.98 21.60 -3.60
C CYS B 241 -14.30 22.20 -3.12
N ASP B 242 -14.57 23.40 -3.60
CA ASP B 242 -15.83 24.09 -3.30
C ASP B 242 -16.84 23.68 -4.36
N VAL B 243 -17.67 22.68 -4.06
CA VAL B 243 -18.54 22.15 -5.11
C VAL B 243 -19.67 23.12 -5.44
N SER B 244 -19.85 24.18 -4.64
CA SER B 244 -20.88 25.16 -5.00
C SER B 244 -20.39 26.20 -5.97
N ASP B 245 -19.09 26.21 -6.28
CA ASP B 245 -18.51 27.06 -7.31
C ASP B 245 -18.32 26.19 -8.55
N GLU B 246 -19.16 26.40 -9.56
CA GLU B 246 -19.11 25.56 -10.76
C GLU B 246 -17.72 25.54 -11.37
N THR B 247 -17.06 26.69 -11.46
CA THR B 247 -15.73 26.74 -12.09
C THR B 247 -14.73 25.92 -11.29
N ALA B 248 -14.76 26.03 -9.97
CA ALA B 248 -13.85 25.27 -9.13
C ALA B 248 -14.17 23.78 -9.20
N PHE B 249 -15.47 23.43 -9.22
CA PHE B 249 -15.82 22.03 -9.32
C PHE B 249 -15.34 21.43 -10.64
N LYS B 250 -15.60 22.11 -11.76
CA LYS B 250 -15.24 21.54 -13.05
C LYS B 250 -13.73 21.33 -13.15
N GLU B 251 -12.94 22.27 -12.65
CA GLU B 251 -11.50 22.11 -12.67
CA GLU B 251 -11.50 22.09 -12.68
C GLU B 251 -11.07 20.90 -11.83
N PHE B 252 -11.66 20.75 -10.65
CA PHE B 252 -11.32 19.63 -9.78
C PHE B 252 -11.77 18.32 -10.42
N PHE B 253 -12.99 18.29 -11.00
CA PHE B 253 -13.49 17.07 -11.61
C PHE B 253 -12.62 16.64 -12.77
N GLN B 254 -12.22 17.58 -13.62
CA GLN B 254 -11.28 17.24 -14.70
C GLN B 254 -9.97 16.70 -14.14
N ALA B 255 -9.46 17.29 -13.04
CA ALA B 255 -8.22 16.79 -12.46
C ALA B 255 -8.38 15.33 -12.01
N ARG B 256 -9.55 15.01 -11.46
CA ARG B 256 -9.82 13.64 -11.02
C ARG B 256 -9.99 12.71 -12.21
N LEU B 257 -10.63 13.18 -13.28
CA LEU B 257 -10.72 12.37 -14.49
CA LEU B 257 -10.71 12.37 -14.49
C LEU B 257 -9.34 12.10 -15.04
N ASP B 258 -8.45 13.11 -14.99
CA ASP B 258 -7.08 12.94 -15.47
C ASP B 258 -6.35 11.88 -14.65
N ASP B 259 -6.57 11.87 -13.32
CA ASP B 259 -5.99 10.85 -12.46
C ASP B 259 -6.45 9.47 -12.90
N MET B 260 -7.75 9.33 -13.13
CA MET B 260 -8.30 8.03 -13.54
C MET B 260 -7.69 7.57 -14.85
N ILE B 261 -7.56 8.49 -15.80
CA ILE B 261 -7.00 8.15 -17.11
C ILE B 261 -5.54 7.78 -16.98
N GLU B 262 -4.75 8.54 -16.20
CA GLU B 262 -3.35 8.19 -16.03
C GLU B 262 -3.20 6.79 -15.45
N ASP B 263 -4.04 6.45 -14.46
CA ASP B 263 -4.00 5.11 -13.90
C ASP B 263 -4.39 4.03 -14.92
N ILE B 264 -5.47 4.25 -15.67
CA ILE B 264 -5.91 3.27 -16.67
C ILE B 264 -4.81 3.06 -17.70
N GLU B 265 -4.22 4.14 -18.19
CA GLU B 265 -3.16 3.99 -19.18
C GLU B 265 -1.96 3.29 -18.60
N CYS B 266 -1.65 3.51 -17.33
CA CYS B 266 -0.56 2.76 -16.70
CA CYS B 266 -0.56 2.76 -16.70
C CYS B 266 -0.92 1.29 -16.49
N ILE B 267 -2.18 1.02 -16.16
CA ILE B 267 -2.63 -0.36 -15.97
C ILE B 267 -2.45 -1.17 -17.24
N LYS B 268 -2.52 -0.51 -18.41
CA LYS B 268 -2.37 -1.24 -19.66
C LYS B 268 -0.96 -1.78 -19.87
N ALA B 269 0.01 -1.38 -19.04
CA ALA B 269 1.34 -1.97 -19.10
C ALA B 269 1.42 -3.33 -18.40
N PHE B 270 0.45 -3.69 -17.58
CA PHE B 270 0.45 -4.96 -16.89
C PHE B 270 0.13 -6.07 -17.87
N ASP B 271 0.35 -7.31 -17.43
CA ASP B 271 0.04 -8.46 -18.29
C ASP B 271 -1.46 -8.46 -18.60
N GLN B 272 -1.85 -9.13 -19.70
CA GLN B 272 -3.20 -8.95 -20.21
C GLN B 272 -4.28 -9.35 -19.20
N LEU B 273 -4.12 -10.50 -18.53
CA LEU B 273 -5.15 -10.92 -17.59
C LEU B 273 -5.25 -9.93 -16.45
N THR B 274 -4.10 -9.54 -15.87
CA THR B 274 -4.14 -8.60 -14.75
C THR B 274 -4.80 -7.29 -15.16
N GLN B 275 -4.46 -6.79 -16.33
CA GLN B 275 -5.06 -5.52 -16.69
C GLN B 275 -6.54 -5.67 -16.95
N ASP B 276 -6.98 -6.82 -17.50
CA ASP B 276 -8.41 -7.04 -17.66
C ASP B 276 -9.13 -6.97 -16.31
N VAL B 277 -8.55 -7.62 -15.30
CA VAL B 277 -9.17 -7.67 -13.99
C VAL B 277 -9.20 -6.28 -13.37
N PHE B 278 -8.09 -5.54 -13.45
CA PHE B 278 -8.07 -4.19 -12.88
C PHE B 278 -9.11 -3.30 -13.54
N LEU B 279 -9.16 -3.31 -14.87
CA LEU B 279 -10.05 -2.39 -15.57
C LEU B 279 -11.51 -2.81 -15.42
N ASP B 280 -11.78 -4.12 -15.43
CA ASP B 280 -13.13 -4.61 -15.16
C ASP B 280 -13.61 -4.18 -13.78
N LEU B 281 -12.70 -4.13 -12.82
CA LEU B 281 -13.06 -3.69 -11.48
C LEU B 281 -13.46 -2.23 -11.48
N ILE B 282 -12.60 -1.36 -12.05
CA ILE B 282 -12.91 0.07 -12.03
C ILE B 282 -14.18 0.35 -12.81
N TYR B 283 -14.30 -0.20 -14.01
CA TYR B 283 -15.49 0.09 -14.84
C TYR B 283 -16.73 -0.63 -14.30
N GLY B 284 -16.59 -1.88 -13.85
CA GLY B 284 -17.71 -2.57 -13.23
C GLY B 284 -18.23 -1.85 -11.99
N ASN B 285 -17.33 -1.31 -11.18
CA ASN B 285 -17.77 -0.55 -10.01
C ASN B 285 -18.64 0.63 -10.43
N PHE B 286 -18.27 1.31 -11.51
CA PHE B 286 -19.05 2.46 -11.96
C PHE B 286 -20.45 2.04 -12.43
N VAL B 287 -20.53 0.95 -13.18
CA VAL B 287 -21.84 0.43 -13.64
C VAL B 287 -22.72 0.06 -12.45
N TRP B 288 -22.16 -0.62 -11.46
CA TRP B 288 -22.97 -1.00 -10.30
C TRP B 288 -23.39 0.22 -9.50
N THR B 289 -22.48 1.18 -9.36
CA THR B 289 -22.75 2.39 -8.56
C THR B 289 -23.90 3.18 -9.15
N THR B 290 -23.96 3.27 -10.46
CA THR B 290 -24.98 4.09 -11.08
C THR B 290 -26.29 3.35 -11.26
N SER B 291 -26.33 2.04 -11.03
CA SER B 291 -27.55 1.29 -11.33
C SER B 291 -28.42 1.00 -10.10
N ASN B 292 -27.93 1.28 -8.89
CA ASN B 292 -28.61 0.83 -7.67
C ASN B 292 -28.95 1.97 -6.72
S CXS C . 2.37 -14.09 17.86
O1 CXS C . 3.44 -13.80 16.83
O2 CXS C . 3.18 -14.32 19.11
O3 CXS C . 1.57 -15.32 17.46
C1 CXS C . 1.28 -12.66 18.10
C2 CXS C . 2.00 -11.71 19.05
C3 CXS C . 1.11 -10.51 19.35
N CXS C . 1.78 -9.72 20.37
C4 CXS C . 0.84 -8.72 20.90
C5 CXS C . -0.18 -9.40 21.82
C6 CXS C . -0.87 -8.40 22.75
C7 CXS C . -0.75 -6.97 22.24
C8 CXS C . 0.72 -6.51 22.17
C9 CXS C . 1.63 -7.62 21.62
NA NA D . 17.52 5.51 15.49
C1 MPD E . 14.15 2.09 2.75
C2 MPD E . 14.54 1.00 3.73
O2 MPD E . 13.53 0.02 3.74
CM MPD E . 14.69 1.60 5.10
C3 MPD E . 15.87 0.35 3.35
C4 MPD E . 16.60 1.17 2.29
O4 MPD E . 17.29 2.24 2.88
C5 MPD E . 17.61 0.32 1.51
S CXS F . -3.73 -22.65 -0.66
O1 CXS F . -4.63 -21.54 -0.19
O2 CXS F . -3.10 -23.28 0.60
O3 CXS F . -4.49 -23.77 -1.32
C1 CXS F . -2.43 -21.96 -1.73
C2 CXS F . -2.38 -22.72 -3.05
C3 CXS F . -3.23 -22.01 -4.09
N CXS F . -2.41 -21.63 -5.24
C4 CXS F . -2.40 -22.70 -6.24
C5 CXS F . -2.71 -22.11 -7.63
C6 CXS F . -1.58 -21.25 -8.18
C7 CXS F . -0.18 -21.87 -8.01
C8 CXS F . 0.07 -22.43 -6.61
C9 CXS F . -1.03 -23.40 -6.21
NA NA G . -17.43 -7.70 -14.78
C1 MPD H . -14.07 -0.18 -3.99
C2 MPD H . -14.62 -1.57 -3.65
O2 MPD H . -13.67 -2.22 -2.86
CM MPD H . -14.86 -2.38 -4.92
C3 MPD H . -15.97 -1.46 -2.95
C4 MPD H . -16.64 -0.11 -3.18
O4 MPD H . -17.57 -0.11 -4.24
C5 MPD H . -17.34 0.36 -1.89
#